data_4U70
#
_entry.id   4U70
#
_cell.length_a   47.636
_cell.length_b   77.389
_cell.length_c   48.575
_cell.angle_alpha   90.00
_cell.angle_beta   90.60
_cell.angle_gamma   90.00
#
_symmetry.space_group_name_H-M   'P 1 21 1'
#
loop_
_entity.id
_entity.type
_entity.pdbx_description
1 polymer 'Methionine aminopeptidase 1'
2 non-polymer 'COBALT (II) ION'
3 non-polymer 'POTASSIUM ION'
4 non-polymer '[(1R)-1-amino-2-cyclohexylethyl]phosphonic acid'
5 water water
#
_entity_poly.entity_id   1
_entity_poly.type   'polypeptide(L)'
_entity_poly.pdbx_seq_one_letter_code
;YRYTGKLRPHYPLMPTRPVPSYIQRPDYADHPLGMSESEQALKGTSQIKLLSSEDIEGMRLVCRLAREVLDVAAGMIKPG
VTTEEIDHAVHLACIARNCYPSPLNYYNFPKSCCTSVNEVICHGIPDRRPLQEGDIVNVDITLYRNGYHGDLNETFFVGE
VDDGARKLVQTTYECLMQAIDAVKPGVRYRELGNIIQKHAQANGFSVVRSYCGHGIHKLMHTAPNVPHYAKNKAVGVMKS
GHVFTIEPMICEGGWQDETWPDGWTAVTRDGKRSAQFEHTLLVTDTGCEILTRRLDSARPHFMSQF
;
_entity_poly.pdbx_strand_id   A
#
loop_
_chem_comp.id
_chem_comp.type
_chem_comp.name
_chem_comp.formula
CO non-polymer 'COBALT (II) ION' 'Co 2'
K non-polymer 'POTASSIUM ION' 'K 1'
Q04 non-polymer '[(1R)-1-amino-2-cyclohexylethyl]phosphonic acid' 'C8 H18 N O3 P'
#
# COMPACT_ATOMS: atom_id res chain seq x y z
N TYR A 1 -5.66 -6.40 25.97
CA TYR A 1 -4.78 -5.53 25.06
C TYR A 1 -4.75 -4.06 25.49
N ARG A 2 -3.56 -3.55 25.64
CA ARG A 2 -3.28 -2.17 25.94
C ARG A 2 -3.04 -1.45 24.60
N TYR A 3 -3.97 -0.59 24.25
CA TYR A 3 -3.82 0.23 23.04
C TYR A 3 -2.63 1.20 23.18
N THR A 4 -1.95 1.45 22.07
CA THR A 4 -0.76 2.35 22.12
C THR A 4 -1.05 3.80 21.98
N GLY A 5 -2.25 4.16 21.54
CA GLY A 5 -2.72 5.51 21.33
C GLY A 5 -4.18 5.74 21.66
N LYS A 6 -4.77 6.73 21.02
CA LYS A 6 -6.17 7.10 21.22
C LYS A 6 -7.12 6.31 20.31
N LEU A 7 -6.63 5.78 19.17
CA LEU A 7 -7.47 5.01 18.28
C LEU A 7 -7.93 3.70 18.88
N ARG A 8 -9.21 3.32 18.58
CA ARG A 8 -9.71 2.03 18.88
C ARG A 8 -10.48 1.49 17.70
N PRO A 9 -10.60 0.17 17.66
CA PRO A 9 -11.51 -0.37 16.62
C PRO A 9 -12.95 -0.09 16.97
N HIS A 10 -13.76 0.02 15.94
CA HIS A 10 -15.22 0.35 16.09
C HIS A 10 -15.99 -0.74 15.44
N TYR A 11 -16.47 -1.66 16.29
CA TYR A 11 -17.13 -2.91 15.89
C TYR A 11 -18.64 -2.75 16.18
N PRO A 12 -19.46 -3.60 15.54
CA PRO A 12 -19.15 -4.68 14.73
C PRO A 12 -18.79 -4.26 13.25
N LEU A 13 -18.12 -5.16 12.55
CA LEU A 13 -17.94 -5.06 11.12
C LEU A 13 -19.10 -5.66 10.41
N MET A 14 -19.38 -5.04 9.26
CA MET A 14 -20.40 -5.54 8.35
C MET A 14 -19.94 -6.89 7.90
N PRO A 15 -20.92 -7.72 7.62
CA PRO A 15 -20.58 -9.01 7.09
C PRO A 15 -19.78 -8.85 5.78
N THR A 16 -18.91 -9.76 5.51
CA THR A 16 -18.11 -9.54 4.34
C THR A 16 -18.90 -9.42 3.08
N ARG A 17 -18.38 -8.56 2.24
CA ARG A 17 -19.04 -8.26 0.96
C ARG A 17 -18.69 -9.24 -0.13
N PRO A 18 -19.72 -9.80 -0.84
CA PRO A 18 -19.47 -10.72 -1.89
C PRO A 18 -19.02 -10.02 -3.21
N VAL A 19 -18.27 -10.79 -4.01
CA VAL A 19 -17.87 -10.33 -5.32
C VAL A 19 -18.59 -11.21 -6.32
N PRO A 20 -19.27 -10.55 -7.28
CA PRO A 20 -20.01 -11.44 -8.22
C PRO A 20 -19.14 -12.41 -8.90
N SER A 21 -19.70 -13.60 -9.21
CA SER A 21 -18.89 -14.65 -9.80
C SER A 21 -18.30 -14.43 -11.18
N TYR A 22 -18.79 -13.42 -11.93
CA TYR A 22 -18.18 -13.12 -13.21
C TYR A 22 -16.82 -12.45 -13.15
N ILE A 23 -16.46 -11.95 -11.97
CA ILE A 23 -15.16 -11.37 -11.71
C ILE A 23 -14.16 -12.50 -11.42
N GLN A 24 -13.04 -12.48 -12.08
CA GLN A 24 -12.03 -13.48 -12.00
C GLN A 24 -11.34 -13.32 -10.60
N ARG A 25 -11.05 -14.46 -9.96
CA ARG A 25 -10.64 -14.47 -8.58
C ARG A 25 -9.26 -15.02 -8.43
N PRO A 26 -8.46 -14.42 -7.53
CA PRO A 26 -7.17 -14.98 -7.21
C PRO A 26 -7.31 -16.26 -6.38
N ASP A 27 -6.22 -17.02 -6.34
CA ASP A 27 -6.29 -18.37 -5.69
C ASP A 27 -6.80 -18.35 -4.24
N TYR A 28 -6.28 -17.42 -3.45
CA TYR A 28 -6.63 -17.35 -2.07
C TYR A 28 -8.06 -16.94 -1.76
N ALA A 29 -8.74 -16.34 -2.74
CA ALA A 29 -10.15 -15.96 -2.57
C ALA A 29 -11.12 -17.00 -2.01
N ASP A 30 -10.86 -18.23 -2.39
CA ASP A 30 -11.70 -19.37 -2.03
C ASP A 30 -10.97 -20.36 -1.15
N HIS A 31 -9.77 -20.04 -0.68
CA HIS A 31 -9.11 -20.90 0.32
C HIS A 31 -9.74 -20.59 1.69
N PRO A 32 -10.03 -21.60 2.54
CA PRO A 32 -10.69 -21.32 3.83
C PRO A 32 -9.91 -20.41 4.80
N LEU A 33 -8.59 -20.39 4.75
CA LEU A 33 -7.75 -19.52 5.57
C LEU A 33 -7.17 -18.39 4.74
N GLY A 34 -7.69 -18.26 3.52
CA GLY A 34 -7.14 -17.26 2.57
C GLY A 34 -5.72 -17.41 2.21
N MET A 35 -5.16 -18.64 2.23
CA MET A 35 -3.80 -18.81 1.78
C MET A 35 -3.65 -18.83 0.29
N SER A 36 -2.51 -18.31 -0.17
CA SER A 36 -2.19 -18.21 -1.61
C SER A 36 -1.13 -19.33 -1.91
N GLU A 37 -1.63 -20.40 -2.43
CA GLU A 37 -0.81 -21.58 -2.78
C GLU A 37 0.31 -21.10 -3.67
N SER A 38 -0.05 -20.26 -4.62
CA SER A 38 0.91 -19.82 -5.61
C SER A 38 2.02 -18.98 -4.98
N GLU A 39 1.70 -18.09 -4.02
CA GLU A 39 2.79 -17.46 -3.27
C GLU A 39 3.60 -18.47 -2.43
N GLN A 40 2.93 -19.37 -1.73
CA GLN A 40 3.60 -20.22 -0.75
C GLN A 40 4.66 -21.09 -1.44
N ALA A 41 4.30 -21.51 -2.64
CA ALA A 41 5.12 -22.24 -3.60
C ALA A 41 6.36 -21.50 -4.08
N LEU A 42 6.44 -20.18 -3.83
CA LEU A 42 7.69 -19.48 -4.08
C LEU A 42 8.23 -18.90 -2.81
N LYS A 43 7.71 -19.34 -1.65
CA LYS A 43 8.24 -18.82 -0.39
C LYS A 43 9.71 -19.18 -0.33
N GLY A 44 10.53 -18.21 0.06
CA GLY A 44 11.96 -18.45 0.27
C GLY A 44 12.82 -18.36 -0.98
N THR A 45 12.18 -17.95 -2.09
CA THR A 45 12.87 -17.71 -3.37
CA THR A 45 12.89 -17.72 -3.36
C THR A 45 13.29 -16.24 -3.52
N SER A 46 14.50 -16.00 -4.04
CA SER A 46 15.08 -14.66 -4.26
C SER A 46 15.00 -14.25 -5.71
N GLN A 47 14.79 -15.22 -6.59
CA GLN A 47 14.66 -15.00 -8.00
C GLN A 47 13.51 -14.03 -8.35
N ILE A 48 13.81 -13.05 -9.18
CA ILE A 48 12.81 -12.06 -9.59
C ILE A 48 12.33 -12.33 -11.01
N LYS A 49 11.03 -12.37 -11.19
CA LYS A 49 10.49 -12.50 -12.52
C LYS A 49 10.89 -11.37 -13.48
N LEU A 50 11.23 -11.74 -14.72
CA LEU A 50 11.43 -10.77 -15.79
C LEU A 50 10.16 -10.75 -16.60
N LEU A 51 9.44 -9.64 -16.56
CA LEU A 51 8.12 -9.66 -17.18
C LEU A 51 8.19 -9.70 -18.69
N SER A 52 7.28 -10.48 -19.27
CA SER A 52 7.04 -10.43 -20.71
C SER A 52 6.31 -9.19 -21.12
N SER A 53 6.19 -8.99 -22.42
CA SER A 53 5.46 -7.84 -22.94
C SER A 53 3.96 -7.97 -22.58
N GLU A 54 3.42 -9.17 -22.64
CA GLU A 54 2.06 -9.38 -22.28
C GLU A 54 1.88 -9.04 -20.77
N ASP A 55 2.81 -9.53 -19.96
CA ASP A 55 2.78 -9.29 -18.48
C ASP A 55 2.80 -7.75 -18.26
N ILE A 56 3.62 -7.02 -18.98
CA ILE A 56 3.75 -5.55 -18.82
C ILE A 56 2.45 -4.82 -19.14
N GLU A 57 1.79 -5.26 -20.23
CA GLU A 57 0.47 -4.78 -20.56
C GLU A 57 -0.57 -5.04 -19.44
N GLY A 58 -0.48 -6.24 -18.89
CA GLY A 58 -1.40 -6.60 -17.83
C GLY A 58 -1.20 -5.76 -16.59
N MET A 59 0.06 -5.52 -16.30
CA MET A 59 0.40 -4.68 -15.12
C MET A 59 0.03 -3.23 -15.37
N ARG A 60 0.27 -2.72 -16.58
CA ARG A 60 -0.15 -1.37 -16.83
C ARG A 60 -1.64 -1.13 -16.65
N LEU A 61 -2.44 -2.09 -17.12
CA LEU A 61 -3.86 -1.91 -17.03
C LEU A 61 -4.34 -1.99 -15.57
N VAL A 62 -3.95 -3.03 -14.85
CA VAL A 62 -4.48 -3.18 -13.48
C VAL A 62 -4.00 -2.01 -12.60
N CYS A 63 -2.77 -1.53 -12.87
CA CYS A 63 -2.29 -0.42 -12.05
C CYS A 63 -3.04 0.89 -12.34
N ARG A 64 -3.41 1.11 -13.61
CA ARG A 64 -4.19 2.28 -13.95
CA ARG A 64 -4.22 2.25 -13.99
C ARG A 64 -5.58 2.19 -13.31
N LEU A 65 -6.17 0.99 -13.29
CA LEU A 65 -7.47 0.82 -12.67
C LEU A 65 -7.43 0.99 -11.15
N ALA A 66 -6.33 0.54 -10.59
CA ALA A 66 -6.11 0.73 -9.14
C ALA A 66 -6.01 2.21 -8.78
N ARG A 67 -5.31 2.96 -9.60
CA ARG A 67 -5.25 4.42 -9.40
C ARG A 67 -6.62 5.01 -9.47
N GLU A 68 -7.41 4.59 -10.48
CA GLU A 68 -8.77 5.12 -10.52
C GLU A 68 -9.59 4.90 -9.25
N VAL A 69 -9.44 3.72 -8.64
CA VAL A 69 -10.16 3.37 -7.43
C VAL A 69 -9.64 4.17 -6.22
N LEU A 70 -8.33 4.40 -6.14
CA LEU A 70 -7.75 5.24 -5.11
CA LEU A 70 -7.81 5.22 -5.07
C LEU A 70 -8.37 6.65 -5.19
N ASP A 71 -8.43 7.13 -6.42
CA ASP A 71 -8.96 8.48 -6.68
C ASP A 71 -10.38 8.55 -6.19
N VAL A 72 -11.18 7.47 -6.37
CA VAL A 72 -12.53 7.45 -5.87
C VAL A 72 -12.52 7.63 -4.35
N ALA A 73 -11.67 6.86 -3.66
CA ALA A 73 -11.54 6.96 -2.23
C ALA A 73 -11.10 8.37 -1.79
N ALA A 74 -10.15 8.98 -2.50
CA ALA A 74 -9.60 10.30 -2.16
C ALA A 74 -10.76 11.33 -2.14
N GLY A 75 -11.69 11.17 -3.05
CA GLY A 75 -12.87 12.01 -3.19
C GLY A 75 -13.81 11.98 -2.04
N MET A 76 -13.76 10.90 -1.24
CA MET A 76 -14.67 10.68 -0.12
C MET A 76 -14.16 11.15 1.22
N ILE A 77 -12.91 11.57 1.26
CA ILE A 77 -12.28 11.86 2.51
C ILE A 77 -12.82 13.19 3.06
N LYS A 78 -13.54 13.08 4.15
CA LYS A 78 -14.06 14.27 4.86
C LYS A 78 -14.41 13.86 6.25
N PRO A 79 -14.38 14.81 7.19
CA PRO A 79 -14.87 14.54 8.49
C PRO A 79 -16.26 13.92 8.46
N GLY A 80 -16.45 12.91 9.31
CA GLY A 80 -17.67 12.21 9.55
C GLY A 80 -17.96 10.94 8.66
N VAL A 81 -17.21 10.76 7.61
CA VAL A 81 -17.29 9.55 6.78
C VAL A 81 -16.63 8.40 7.52
N THR A 82 -17.23 7.24 7.49
CA THR A 82 -16.56 6.11 8.17
C THR A 82 -15.61 5.46 7.20
N THR A 83 -14.68 4.70 7.77
CA THR A 83 -13.82 3.92 6.91
C THR A 83 -14.54 2.79 6.20
N GLU A 84 -15.50 2.18 6.86
CA GLU A 84 -16.35 1.21 6.19
C GLU A 84 -17.09 1.73 5.01
N GLU A 85 -17.55 3.00 5.08
CA GLU A 85 -18.19 3.64 3.91
C GLU A 85 -17.24 3.82 2.73
N ILE A 86 -15.99 4.21 3.04
CA ILE A 86 -14.89 4.26 2.03
C ILE A 86 -14.74 2.90 1.37
N ASP A 87 -14.62 1.87 2.21
CA ASP A 87 -14.34 0.45 1.71
C ASP A 87 -15.50 0.03 0.83
N HIS A 88 -16.74 0.36 1.21
CA HIS A 88 -17.91 -0.04 0.36
C HIS A 88 -17.85 0.58 -0.98
N ALA A 89 -17.51 1.84 -1.03
CA ALA A 89 -17.31 2.54 -2.30
C ALA A 89 -16.21 1.92 -3.13
N VAL A 90 -15.12 1.59 -2.45
CA VAL A 90 -13.96 0.96 -3.12
C VAL A 90 -14.37 -0.36 -3.72
N HIS A 91 -15.07 -1.17 -2.94
CA HIS A 91 -15.52 -2.46 -3.34
C HIS A 91 -16.37 -2.38 -4.59
N LEU A 92 -17.31 -1.44 -4.59
CA LEU A 92 -18.18 -1.28 -5.83
C LEU A 92 -17.38 -0.77 -7.04
N ALA A 93 -16.38 0.07 -6.81
CA ALA A 93 -15.57 0.69 -7.86
C ALA A 93 -14.65 -0.39 -8.50
N CYS A 94 -14.15 -1.31 -7.66
CA CYS A 94 -13.40 -2.48 -8.16
CA CYS A 94 -13.42 -2.43 -8.12
C CYS A 94 -14.27 -3.34 -9.09
N ILE A 95 -15.42 -3.75 -8.60
CA ILE A 95 -16.38 -4.54 -9.42
C ILE A 95 -16.83 -3.87 -10.71
N ALA A 96 -16.99 -2.57 -10.65
CA ALA A 96 -17.38 -1.80 -11.84
C ALA A 96 -16.31 -1.90 -12.94
N ARG A 97 -15.03 -2.10 -12.56
CA ARG A 97 -13.87 -2.20 -13.44
C ARG A 97 -13.49 -3.60 -13.68
N ASN A 98 -14.43 -4.50 -13.34
CA ASN A 98 -14.27 -5.92 -13.55
C ASN A 98 -13.00 -6.48 -12.91
N CYS A 99 -12.74 -5.97 -11.73
CA CYS A 99 -11.57 -6.39 -10.95
C CYS A 99 -12.01 -6.94 -9.61
N TYR A 100 -11.19 -7.82 -9.08
CA TYR A 100 -11.38 -8.36 -7.71
C TYR A 100 -10.57 -7.46 -6.76
N PRO A 101 -11.15 -7.13 -5.61
CA PRO A 101 -10.41 -6.32 -4.61
C PRO A 101 -9.45 -7.22 -3.92
N SER A 102 -8.19 -7.12 -4.30
CA SER A 102 -7.16 -8.08 -3.83
C SER A 102 -7.09 -8.34 -2.34
N PRO A 103 -7.33 -7.35 -1.48
CA PRO A 103 -7.22 -7.68 -0.07
C PRO A 103 -8.30 -8.61 0.48
N LEU A 104 -9.45 -8.75 -0.14
CA LEU A 104 -10.57 -9.41 0.39
C LEU A 104 -10.26 -10.89 0.50
N ASN A 105 -10.25 -11.37 1.72
CA ASN A 105 -9.89 -12.72 2.10
C ASN A 105 -8.45 -13.10 1.93
N TYR A 106 -7.51 -12.14 1.68
CA TYR A 106 -6.14 -12.47 1.66
C TYR A 106 -5.71 -12.79 3.07
N TYR A 107 -5.38 -14.06 3.32
CA TYR A 107 -5.15 -14.51 4.70
C TYR A 107 -6.24 -14.07 5.63
N ASN A 108 -7.49 -14.11 5.11
CA ASN A 108 -8.72 -13.86 5.80
C ASN A 108 -8.88 -12.39 6.21
N PHE A 109 -8.16 -11.49 5.52
CA PHE A 109 -8.42 -10.04 5.72
C PHE A 109 -9.87 -9.81 5.36
N PRO A 110 -10.62 -9.02 6.15
CA PRO A 110 -12.08 -8.99 6.04
C PRO A 110 -12.68 -8.00 5.05
N LYS A 111 -11.86 -7.10 4.49
CA LYS A 111 -12.37 -5.93 3.77
C LYS A 111 -11.65 -5.87 2.44
N SER A 112 -11.95 -4.82 1.68
CA SER A 112 -11.53 -4.68 0.30
C SER A 112 -10.47 -3.63 0.07
N CYS A 113 -9.99 -3.05 1.13
CA CYS A 113 -8.94 -2.00 1.17
C CYS A 113 -8.43 -1.92 2.58
N CYS A 114 -7.34 -1.20 2.76
CA CYS A 114 -6.80 -0.92 4.07
C CYS A 114 -6.95 0.57 4.35
N THR A 115 -7.46 0.92 5.53
CA THR A 115 -7.61 2.30 5.98
C THR A 115 -6.85 2.49 7.27
N SER A 116 -5.81 3.29 7.27
CA SER A 116 -4.87 3.44 8.38
C SER A 116 -4.86 4.86 8.85
N VAL A 117 -5.37 5.01 10.06
CA VAL A 117 -5.51 6.35 10.67
C VAL A 117 -4.38 6.60 11.72
N ASN A 118 -3.82 7.84 11.68
CA ASN A 118 -2.90 8.36 12.71
C ASN A 118 -1.85 7.37 13.11
N GLU A 119 -1.84 6.76 14.31
CA GLU A 119 -0.81 5.81 14.75
C GLU A 119 -0.80 4.48 14.06
N VAL A 120 -1.81 4.19 13.26
CA VAL A 120 -1.79 3.00 12.41
C VAL A 120 -0.78 3.25 11.34
N ILE A 121 0.15 2.29 11.27
CA ILE A 121 1.23 2.26 10.26
C ILE A 121 0.74 1.74 8.92
N CYS A 122 0.00 0.69 8.98
CA CYS A 122 -0.58 0.04 7.80
C CYS A 122 -1.57 -1.04 8.19
N HIS A 123 -2.33 -1.49 7.19
CA HIS A 123 -3.24 -2.62 7.26
C HIS A 123 -4.39 -2.45 8.19
N GLY A 124 -4.76 -1.20 8.50
CA GLY A 124 -5.98 -0.92 9.22
C GLY A 124 -7.20 -1.47 8.52
N ILE A 125 -8.19 -1.93 9.33
CA ILE A 125 -9.37 -2.54 8.85
C ILE A 125 -10.50 -1.54 8.86
N PRO A 126 -11.09 -1.29 7.70
CA PRO A 126 -12.28 -0.33 7.65
C PRO A 126 -13.30 -0.82 8.66
N ASP A 127 -13.85 0.18 9.38
CA ASP A 127 -14.77 -0.10 10.51
C ASP A 127 -15.75 1.12 10.67
N ARG A 128 -16.48 1.08 11.80
CA ARG A 128 -17.55 2.05 11.94
C ARG A 128 -17.08 3.41 12.42
N ARG A 129 -15.77 3.64 12.57
CA ARG A 129 -15.29 4.92 13.04
C ARG A 129 -15.41 6.03 11.99
N PRO A 130 -16.17 7.13 12.31
CA PRO A 130 -16.09 8.31 11.48
C PRO A 130 -14.75 9.00 11.58
N LEU A 131 -14.25 9.36 10.41
CA LEU A 131 -13.02 10.20 10.36
C LEU A 131 -13.25 11.55 11.08
N GLN A 132 -12.25 11.98 11.81
CA GLN A 132 -12.26 13.19 12.64
C GLN A 132 -11.39 14.21 12.00
N GLU A 133 -11.86 15.47 12.07
CA GLU A 133 -11.03 16.56 11.62
C GLU A 133 -9.69 16.52 12.35
N GLY A 134 -8.61 16.70 11.57
CA GLY A 134 -7.26 16.62 12.04
C GLY A 134 -6.60 15.22 11.85
N ASP A 135 -7.39 14.19 11.62
CA ASP A 135 -6.81 12.86 11.26
C ASP A 135 -5.96 12.99 10.04
N ILE A 136 -5.01 12.03 9.92
CA ILE A 136 -4.41 11.62 8.70
C ILE A 136 -4.88 10.20 8.47
N VAL A 137 -5.21 9.92 7.22
CA VAL A 137 -5.74 8.60 6.87
C VAL A 137 -5.13 8.16 5.51
N ASN A 138 -4.55 6.95 5.53
CA ASN A 138 -4.04 6.32 4.36
C ASN A 138 -5.03 5.29 3.84
N VAL A 139 -5.32 5.33 2.53
CA VAL A 139 -6.06 4.29 1.86
C VAL A 139 -5.14 3.53 0.90
N ASP A 140 -5.12 2.22 1.09
CA ASP A 140 -4.27 1.28 0.28
C ASP A 140 -5.20 0.43 -0.57
N ILE A 141 -5.06 0.53 -1.84
CA ILE A 141 -5.84 -0.09 -2.84
C ILE A 141 -4.97 -1.16 -3.56
N THR A 142 -5.47 -2.36 -3.67
CA THR A 142 -4.86 -3.36 -4.52
C THR A 142 -5.98 -4.11 -5.31
N LEU A 143 -5.84 -4.16 -6.63
CA LEU A 143 -6.81 -4.75 -7.58
C LEU A 143 -6.18 -5.92 -8.28
N TYR A 144 -7.08 -6.81 -8.73
CA TYR A 144 -6.69 -8.03 -9.46
C TYR A 144 -7.49 -8.06 -10.74
N ARG A 145 -6.77 -8.11 -11.86
CA ARG A 145 -7.41 -8.14 -13.19
C ARG A 145 -6.62 -9.06 -14.12
N ASN A 146 -7.29 -10.04 -14.76
CA ASN A 146 -6.66 -10.95 -15.75
CA ASN A 146 -6.60 -10.81 -15.80
C ASN A 146 -5.37 -11.52 -15.27
N GLY A 147 -5.37 -11.85 -13.97
CA GLY A 147 -4.26 -12.54 -13.31
C GLY A 147 -3.10 -11.71 -12.74
N TYR A 148 -3.28 -10.39 -12.84
CA TYR A 148 -2.29 -9.37 -12.37
C TYR A 148 -2.89 -8.54 -11.21
N HIS A 149 -2.04 -8.26 -10.24
CA HIS A 149 -2.30 -7.33 -9.14
C HIS A 149 -1.60 -5.95 -9.27
N GLY A 150 -2.29 -4.86 -8.91
CA GLY A 150 -1.73 -3.54 -8.88
C GLY A 150 -2.00 -2.84 -7.57
N ASP A 151 -0.98 -2.19 -7.02
CA ASP A 151 -0.96 -1.83 -5.58
C ASP A 151 -0.48 -0.38 -5.42
N LEU A 152 -1.27 0.45 -4.73
CA LEU A 152 -0.81 1.76 -4.42
C LEU A 152 -1.50 2.30 -3.18
N ASN A 153 -0.95 3.36 -2.59
CA ASN A 153 -1.57 3.98 -1.44
C ASN A 153 -1.16 5.40 -1.33
N GLU A 154 -2.01 6.19 -0.70
CA GLU A 154 -1.70 7.61 -0.36
C GLU A 154 -2.26 7.97 1.01
N THR A 155 -1.58 8.89 1.69
CA THR A 155 -2.08 9.49 2.92
C THR A 155 -2.80 10.80 2.58
N PHE A 156 -3.96 10.94 3.20
CA PHE A 156 -4.84 12.15 3.06
C PHE A 156 -4.97 12.81 4.36
N PHE A 157 -5.35 14.14 4.30
CA PHE A 157 -5.71 14.92 5.47
C PHE A 157 -7.24 14.98 5.59
N VAL A 158 -7.71 14.93 6.83
CA VAL A 158 -9.14 14.98 7.07
C VAL A 158 -9.38 16.43 7.60
N GLY A 159 -9.94 17.26 6.72
CA GLY A 159 -10.10 18.70 7.13
C GLY A 159 -8.76 19.30 7.32
N GLU A 160 -8.71 20.20 8.31
CA GLU A 160 -7.49 20.87 8.63
C GLU A 160 -6.65 20.05 9.59
N VAL A 161 -5.38 19.94 9.26
CA VAL A 161 -4.44 19.26 10.11
C VAL A 161 -3.37 20.16 10.71
N ASP A 162 -2.62 19.65 11.66
CA ASP A 162 -1.55 20.42 12.29
C ASP A 162 -0.26 20.41 11.52
N ASP A 163 0.67 21.29 11.87
CA ASP A 163 1.90 21.36 11.10
C ASP A 163 2.69 20.05 11.13
N GLY A 164 2.64 19.35 12.25
CA GLY A 164 3.29 18.05 12.42
C GLY A 164 2.73 17.06 11.36
N ALA A 165 1.43 17.01 11.21
CA ALA A 165 0.82 16.15 10.13
C ALA A 165 1.28 16.53 8.75
N ARG A 166 1.29 17.83 8.47
CA ARG A 166 1.79 18.31 7.21
C ARG A 166 3.22 17.91 6.94
N LYS A 167 4.10 18.13 7.89
CA LYS A 167 5.49 17.72 7.71
C LYS A 167 5.73 16.25 7.58
N LEU A 168 5.01 15.48 8.37
CA LEU A 168 5.16 14.02 8.29
C LEU A 168 4.74 13.50 6.90
N VAL A 169 3.57 13.94 6.44
CA VAL A 169 3.03 13.42 5.18
C VAL A 169 3.92 13.92 4.00
N GLN A 170 4.34 15.21 4.03
CA GLN A 170 5.26 15.71 2.99
C GLN A 170 6.54 14.92 2.95
N THR A 171 7.18 14.73 4.10
CA THR A 171 8.42 14.01 4.14
C THR A 171 8.30 12.62 3.65
N THR A 172 7.18 11.96 4.00
CA THR A 172 7.00 10.55 3.60
C THR A 172 6.90 10.48 2.06
N TYR A 173 6.12 11.40 1.47
CA TYR A 173 5.94 11.46 0.03
C TYR A 173 7.33 11.70 -0.66
N GLU A 174 8.12 12.59 -0.09
CA GLU A 174 9.46 12.90 -0.61
C GLU A 174 10.34 11.66 -0.50
N CYS A 175 10.23 10.92 0.60
CA CYS A 175 11.00 9.69 0.74
C CYS A 175 10.69 8.74 -0.38
N LEU A 176 9.40 8.57 -0.69
CA LEU A 176 9.04 7.65 -1.77
C LEU A 176 9.62 8.09 -3.12
N MET A 177 9.43 9.33 -3.38
CA MET A 177 9.84 9.83 -4.68
C MET A 177 11.34 9.90 -4.85
N GLN A 178 12.08 10.16 -3.79
CA GLN A 178 13.54 10.12 -3.89
C GLN A 178 13.93 8.71 -4.22
N ALA A 179 13.30 7.74 -3.59
CA ALA A 179 13.63 6.34 -3.89
C ALA A 179 13.32 6.03 -5.38
N ILE A 180 12.11 6.39 -5.82
CA ILE A 180 11.70 6.14 -7.20
C ILE A 180 12.69 6.72 -8.20
N ASP A 181 13.17 7.89 -7.87
CA ASP A 181 14.09 8.63 -8.75
C ASP A 181 15.36 7.88 -8.86
N ALA A 182 15.68 6.98 -7.94
CA ALA A 182 16.91 6.20 -8.05
C ALA A 182 16.76 4.90 -8.79
N VAL A 183 15.55 4.49 -9.16
CA VAL A 183 15.33 3.20 -9.77
C VAL A 183 15.72 3.16 -11.25
N LYS A 184 16.55 2.14 -11.55
CA LYS A 184 17.08 1.91 -12.93
C LYS A 184 17.89 0.65 -12.94
N PRO A 185 18.18 0.10 -14.19
CA PRO A 185 18.86 -1.16 -14.14
C PRO A 185 20.21 -1.02 -13.48
N GLY A 186 20.54 -2.01 -12.68
CA GLY A 186 21.88 -2.08 -12.11
C GLY A 186 22.02 -1.58 -10.71
N VAL A 187 20.92 -0.95 -10.23
CA VAL A 187 20.82 -0.47 -8.82
C VAL A 187 20.42 -1.64 -7.92
N ARG A 188 21.07 -1.76 -6.79
CA ARG A 188 20.78 -2.82 -5.87
C ARG A 188 19.49 -2.44 -5.11
N TYR A 189 18.64 -3.43 -4.89
CA TYR A 189 17.33 -3.14 -4.20
C TYR A 189 17.66 -2.63 -2.81
N ARG A 190 18.76 -3.07 -2.20
CA ARG A 190 19.12 -2.57 -0.84
C ARG A 190 19.44 -1.07 -0.72
N GLU A 191 19.81 -0.40 -1.80
CA GLU A 191 20.10 1.00 -1.75
C GLU A 191 18.94 1.90 -1.40
N LEU A 192 17.72 1.41 -1.77
CA LEU A 192 16.60 2.35 -1.67
C LEU A 192 16.32 2.75 -0.22
N GLY A 193 16.52 1.78 0.67
CA GLY A 193 16.39 2.08 2.11
C GLY A 193 17.42 3.04 2.65
N ASN A 194 18.61 3.08 2.04
CA ASN A 194 19.56 4.06 2.44
C ASN A 194 19.02 5.42 2.07
N ILE A 195 18.45 5.55 0.88
CA ILE A 195 17.92 6.86 0.50
C ILE A 195 16.76 7.32 1.39
N ILE A 196 15.81 6.42 1.61
CA ILE A 196 14.63 6.77 2.38
C ILE A 196 15.04 7.20 3.78
N GLN A 197 15.85 6.33 4.43
CA GLN A 197 16.18 6.65 5.81
C GLN A 197 16.93 8.00 5.93
N LYS A 198 17.77 8.27 4.94
CA LYS A 198 18.55 9.51 5.01
C LYS A 198 17.61 10.71 5.06
N HIS A 199 16.56 10.70 4.25
CA HIS A 199 15.65 11.83 4.21
C HIS A 199 14.73 11.86 5.44
N ALA A 200 14.27 10.69 5.88
CA ALA A 200 13.46 10.62 7.08
C ALA A 200 14.24 11.19 8.29
N GLN A 201 15.45 10.69 8.46
CA GLN A 201 16.26 11.06 9.63
C GLN A 201 16.58 12.52 9.60
N ALA A 202 16.84 13.08 8.43
CA ALA A 202 17.03 14.53 8.31
C ALA A 202 15.89 15.36 8.79
N ASN A 203 14.68 14.81 8.78
CA ASN A 203 13.51 15.53 9.21
C ASN A 203 12.98 15.10 10.57
N GLY A 204 13.81 14.35 11.29
CA GLY A 204 13.52 13.88 12.64
C GLY A 204 12.55 12.74 12.78
N PHE A 205 12.35 12.01 11.67
CA PHE A 205 11.48 10.86 11.67
C PHE A 205 12.18 9.56 11.61
N SER A 206 11.48 8.48 11.98
CA SER A 206 12.01 7.12 11.93
C SER A 206 11.32 6.27 10.86
N VAL A 207 11.95 5.16 10.51
CA VAL A 207 11.53 4.33 9.41
C VAL A 207 11.11 2.93 9.90
N VAL A 208 9.86 2.52 9.64
CA VAL A 208 9.37 1.23 10.02
C VAL A 208 10.22 0.15 9.38
N ARG A 209 10.52 -0.87 10.18
CA ARG A 209 11.40 -2.00 9.77
C ARG A 209 10.64 -3.27 9.36
N SER A 210 9.43 -3.50 9.91
CA SER A 210 8.76 -4.78 9.84
C SER A 210 7.99 -5.02 8.57
N TYR A 211 7.81 -3.96 7.81
CA TYR A 211 7.06 -4.06 6.57
C TYR A 211 7.95 -3.46 5.43
N CYS A 212 7.91 -4.15 4.28
CA CYS A 212 8.77 -3.81 3.11
C CYS A 212 7.97 -3.65 1.82
N GLY A 213 8.55 -2.97 0.84
CA GLY A 213 8.04 -3.06 -0.52
C GLY A 213 8.26 -4.47 -1.07
N HIS A 214 7.74 -4.73 -2.27
CA HIS A 214 7.62 -6.14 -2.72
C HIS A 214 7.45 -6.19 -4.20
N GLY A 215 8.00 -7.27 -4.74
CA GLY A 215 7.57 -7.68 -6.04
C GLY A 215 6.02 -7.86 -6.07
N ILE A 216 5.47 -7.65 -7.24
CA ILE A 216 4.06 -7.83 -7.52
C ILE A 216 3.81 -8.02 -8.99
N HIS A 217 2.96 -9.00 -9.31
CA HIS A 217 2.53 -9.26 -10.66
C HIS A 217 1.44 -10.31 -10.64
N LYS A 218 1.75 -11.57 -10.96
CA LYS A 218 0.84 -12.64 -10.78
C LYS A 218 0.55 -12.99 -9.31
N LEU A 219 1.50 -12.63 -8.43
CA LEU A 219 1.42 -12.78 -7.03
C LEU A 219 1.34 -11.36 -6.47
N MET A 220 0.58 -11.26 -5.40
CA MET A 220 0.46 -9.92 -4.79
C MET A 220 1.75 -9.48 -4.12
N HIS A 221 2.40 -10.44 -3.41
CA HIS A 221 3.65 -10.25 -2.71
C HIS A 221 4.62 -11.36 -3.17
N THR A 222 5.69 -10.95 -3.74
CA THR A 222 6.74 -11.91 -4.14
C THR A 222 8.10 -11.18 -4.18
N ALA A 223 9.18 -11.89 -4.59
CA ALA A 223 10.45 -11.26 -4.73
C ALA A 223 10.45 -10.13 -5.74
N PRO A 224 11.22 -9.07 -5.48
CA PRO A 224 12.10 -8.83 -4.37
C PRO A 224 11.45 -8.34 -3.08
N ASN A 225 12.08 -8.64 -1.96
CA ASN A 225 11.81 -7.90 -0.70
C ASN A 225 12.58 -6.61 -0.67
N VAL A 226 11.87 -5.48 -0.37
CA VAL A 226 12.41 -4.16 -0.48
C VAL A 226 12.30 -3.35 0.82
N PRO A 227 13.25 -3.50 1.72
CA PRO A 227 13.27 -2.76 2.95
C PRO A 227 13.41 -1.30 2.73
N HIS A 228 12.80 -0.51 3.63
CA HIS A 228 12.89 0.93 3.55
C HIS A 228 13.88 1.68 4.47
N TYR A 229 14.62 0.89 5.27
CA TYR A 229 15.59 1.44 6.18
C TYR A 229 17.02 1.18 5.65
N ALA A 230 17.95 1.90 6.25
CA ALA A 230 19.40 1.86 5.81
C ALA A 230 20.13 0.59 6.24
N LYS A 231 21.10 0.21 5.42
CA LYS A 231 22.01 -0.93 5.77
C LYS A 231 21.25 -2.19 5.95
N ASN A 232 20.28 -2.44 5.06
CA ASN A 232 19.57 -3.64 5.05
C ASN A 232 20.25 -4.62 4.11
N LYS A 233 19.82 -5.85 4.17
CA LYS A 233 20.52 -6.85 3.46
C LYS A 233 19.74 -7.43 2.32
N ALA A 234 18.88 -6.64 1.71
CA ALA A 234 18.13 -7.18 0.64
C ALA A 234 18.96 -7.70 -0.53
N VAL A 235 18.42 -8.72 -1.16
CA VAL A 235 19.11 -9.49 -2.20
C VAL A 235 18.60 -9.02 -3.51
N GLY A 236 19.49 -8.77 -4.46
CA GLY A 236 19.03 -8.51 -5.82
C GLY A 236 19.43 -7.21 -6.42
N VAL A 237 19.43 -7.22 -7.73
CA VAL A 237 19.79 -6.05 -8.50
C VAL A 237 18.73 -5.77 -9.53
N MET A 238 18.38 -4.51 -9.69
CA MET A 238 17.32 -4.08 -10.64
C MET A 238 17.73 -4.45 -12.07
N LYS A 239 16.74 -4.86 -12.86
CA LYS A 239 16.87 -5.12 -14.29
C LYS A 239 15.58 -4.67 -14.94
N SER A 240 15.68 -4.15 -16.15
CA SER A 240 14.55 -3.91 -17.03
C SER A 240 13.59 -5.06 -17.10
N GLY A 241 12.33 -4.78 -16.74
CA GLY A 241 11.33 -5.86 -16.71
C GLY A 241 10.95 -6.35 -15.31
N HIS A 242 11.68 -5.89 -14.26
CA HIS A 242 11.26 -6.11 -12.88
C HIS A 242 10.10 -5.18 -12.51
N VAL A 243 9.18 -5.73 -11.75
CA VAL A 243 8.07 -4.90 -11.21
C VAL A 243 7.99 -5.14 -9.71
N PHE A 244 7.88 -4.02 -8.96
CA PHE A 244 7.92 -4.06 -7.51
C PHE A 244 7.33 -2.75 -6.95
N THR A 245 6.98 -2.78 -5.67
CA THR A 245 6.57 -1.50 -5.03
C THR A 245 7.65 -0.94 -4.16
N ILE A 246 7.47 0.32 -3.81
CA ILE A 246 8.25 0.97 -2.76
C ILE A 246 7.09 1.67 -1.95
N GLU A 247 7.12 1.51 -0.63
CA GLU A 247 6.00 1.93 0.22
C GLU A 247 6.42 2.34 1.63
N PRO A 248 7.28 3.34 1.73
CA PRO A 248 7.84 3.70 3.08
C PRO A 248 6.75 4.17 4.06
N MET A 249 6.90 3.65 5.25
CA MET A 249 6.18 4.08 6.45
C MET A 249 7.18 4.80 7.38
N ILE A 250 6.87 6.07 7.65
CA ILE A 250 7.71 7.02 8.39
C ILE A 250 6.92 7.40 9.62
N CYS A 251 7.63 7.59 10.75
CA CYS A 251 6.95 7.84 12.02
C CYS A 251 7.49 9.06 12.71
N GLU A 252 6.59 9.74 13.44
CA GLU A 252 6.92 10.92 14.29
C GLU A 252 7.85 10.54 15.42
N GLY A 253 7.65 9.36 16.06
CA GLY A 253 8.44 8.86 17.16
C GLY A 253 9.39 7.81 16.75
N GLY A 254 9.41 6.71 17.48
CA GLY A 254 10.20 5.55 17.20
C GLY A 254 9.62 4.68 16.11
N TRP A 255 10.46 3.82 15.57
CA TRP A 255 10.08 2.95 14.44
C TRP A 255 9.32 1.72 14.84
N GLN A 256 9.29 1.41 16.14
CA GLN A 256 8.83 0.05 16.50
C GLN A 256 7.32 -0.04 16.33
N ASP A 257 6.92 -1.21 15.87
CA ASP A 257 5.55 -1.50 15.66
C ASP A 257 5.09 -2.68 16.51
N GLU A 258 3.77 -2.79 16.62
CA GLU A 258 3.05 -3.92 17.14
C GLU A 258 1.72 -4.09 16.39
N THR A 259 1.10 -5.22 16.59
CA THR A 259 -0.13 -5.59 15.84
C THR A 259 -1.31 -5.75 16.82
N TRP A 260 -2.47 -5.17 16.47
CA TRP A 260 -3.69 -5.31 17.26
C TRP A 260 -4.10 -6.81 17.29
N PRO A 261 -4.96 -7.17 18.26
CA PRO A 261 -5.56 -8.48 18.39
C PRO A 261 -6.27 -8.95 17.12
N ASP A 262 -6.68 -8.03 16.21
CA ASP A 262 -7.28 -8.40 14.93
C ASP A 262 -6.33 -9.13 14.01
N GLY A 263 -5.06 -9.08 14.31
CA GLY A 263 -4.01 -9.72 13.48
C GLY A 263 -3.50 -9.01 12.26
N TRP A 264 -3.99 -7.79 12.08
CA TRP A 264 -3.70 -6.94 10.97
C TRP A 264 -3.18 -5.59 11.27
N THR A 265 -3.94 -4.87 12.12
CA THR A 265 -3.65 -3.48 12.30
C THR A 265 -2.32 -3.28 12.95
N ALA A 266 -1.41 -2.62 12.23
CA ALA A 266 -0.06 -2.39 12.68
C ALA A 266 0.00 -1.01 13.16
N VAL A 267 0.46 -0.81 14.43
CA VAL A 267 0.51 0.51 15.07
C VAL A 267 1.91 0.84 15.62
N THR A 268 2.19 2.11 15.72
CA THR A 268 3.38 2.54 16.44
C THR A 268 3.27 2.10 17.89
N ARG A 269 4.35 1.52 18.39
CA ARG A 269 4.37 1.15 19.82
C ARG A 269 4.25 2.35 20.74
N ASP A 270 4.73 3.53 20.33
CA ASP A 270 4.59 4.73 21.10
C ASP A 270 3.35 5.51 20.89
N GLY A 271 2.47 5.06 19.94
CA GLY A 271 1.24 5.85 19.70
C GLY A 271 1.34 7.14 18.92
N LYS A 272 2.55 7.46 18.43
CA LYS A 272 2.78 8.61 17.60
C LYS A 272 2.34 8.32 16.13
N ARG A 273 2.19 9.35 15.32
CA ARG A 273 1.66 9.17 13.95
C ARG A 273 2.68 8.51 13.03
N SER A 274 2.13 7.86 11.99
CA SER A 274 2.94 7.31 10.90
C SER A 274 2.16 7.55 9.60
N ALA A 275 2.91 7.87 8.56
CA ALA A 275 2.38 8.02 7.23
C ALA A 275 3.11 7.17 6.21
N GLN A 276 2.40 6.87 5.12
CA GLN A 276 2.89 5.99 4.06
C GLN A 276 2.44 6.50 2.66
N PHE A 277 3.22 6.20 1.61
CA PHE A 277 2.83 6.28 0.24
C PHE A 277 3.41 5.09 -0.46
N GLU A 278 2.71 4.66 -1.54
CA GLU A 278 3.09 3.45 -2.31
C GLU A 278 2.76 3.66 -3.76
N HIS A 279 3.73 3.26 -4.60
CA HIS A 279 3.55 3.06 -6.01
C HIS A 279 4.05 1.67 -6.43
N THR A 280 3.47 1.19 -7.52
CA THR A 280 4.02 0.03 -8.23
C THR A 280 4.86 0.53 -9.42
N LEU A 281 6.09 -0.03 -9.55
CA LEU A 281 7.08 0.46 -10.49
C LEU A 281 7.49 -0.65 -11.43
N LEU A 282 7.64 -0.29 -12.69
CA LEU A 282 8.38 -1.17 -13.67
C LEU A 282 9.72 -0.53 -14.04
N VAL A 283 10.75 -1.38 -13.95
CA VAL A 283 12.12 -0.96 -14.28
C VAL A 283 12.13 -1.03 -15.81
N THR A 284 12.61 0.01 -16.43
CA THR A 284 12.72 -0.04 -17.90
C THR A 284 14.21 -0.21 -18.30
N ASP A 285 14.54 -0.06 -19.59
CA ASP A 285 15.98 -0.21 -20.01
C ASP A 285 16.81 0.94 -19.44
N THR A 286 16.20 2.09 -19.24
CA THR A 286 16.98 3.23 -18.70
C THR A 286 16.53 3.79 -17.31
N GLY A 287 15.42 3.27 -16.74
CA GLY A 287 14.88 4.02 -15.60
C GLY A 287 13.65 3.32 -14.98
N CYS A 288 12.61 4.04 -14.64
CA CYS A 288 11.32 3.34 -14.31
C CYS A 288 10.03 4.05 -14.72
N GLU A 289 9.01 3.18 -14.86
CA GLU A 289 7.69 3.56 -15.22
C GLU A 289 6.84 3.37 -13.92
N ILE A 290 6.24 4.45 -13.54
CA ILE A 290 5.40 4.51 -12.31
C ILE A 290 3.97 4.13 -12.73
N LEU A 291 3.63 2.86 -12.56
CA LEU A 291 2.44 2.29 -13.13
C LEU A 291 1.16 2.81 -12.53
N THR A 292 1.33 3.27 -11.25
CA THR A 292 0.23 3.75 -10.47
C THR A 292 0.16 5.23 -10.34
N ARG A 293 0.96 5.92 -11.15
CA ARG A 293 0.92 7.35 -11.13
C ARG A 293 -0.40 7.93 -11.52
N ARG A 294 -0.67 9.14 -11.14
CA ARG A 294 -1.76 9.89 -11.80
C ARG A 294 -1.45 10.28 -13.22
N LEU A 295 -2.41 10.12 -14.11
CA LEU A 295 -2.20 10.52 -15.52
C LEU A 295 -2.68 11.92 -15.82
N ASP A 296 -3.53 12.44 -14.94
CA ASP A 296 -4.25 13.63 -15.19
C ASP A 296 -3.93 14.81 -14.41
N SER A 297 -3.03 14.68 -13.40
CA SER A 297 -2.88 15.69 -12.41
C SER A 297 -1.49 15.58 -11.79
N ALA A 298 -0.85 16.71 -11.56
CA ALA A 298 0.57 16.74 -11.22
C ALA A 298 0.99 16.16 -9.83
N ARG A 299 0.11 16.24 -8.87
CA ARG A 299 0.49 16.03 -7.50
C ARG A 299 -0.46 15.05 -6.75
N PRO A 300 0.08 14.40 -5.72
CA PRO A 300 -0.76 13.53 -4.88
C PRO A 300 -1.87 14.32 -4.29
N HIS A 301 -2.88 13.66 -3.78
CA HIS A 301 -4.09 14.31 -3.29
C HIS A 301 -3.84 15.25 -2.17
N PHE A 302 -2.91 14.97 -1.24
CA PHE A 302 -2.81 15.79 -0.08
C PHE A 302 -2.30 17.23 -0.40
N MET A 303 -1.76 17.39 -1.59
CA MET A 303 -1.26 18.74 -1.98
CA MET A 303 -1.27 18.73 -2.02
C MET A 303 -2.40 19.56 -2.62
N SER A 304 -3.42 18.87 -3.10
CA SER A 304 -4.41 19.44 -4.02
C SER A 304 -5.59 19.84 -3.11
CO CO B . -0.54 -1.56 -0.77
CO CO C . 2.16 -3.24 -1.29
K K D . -0.94 6.38 10.10
O Q04 E . 1.26 -3.74 2.44
P Q04 E . 0.72 -3.75 1.08
O1 Q04 E . 1.40 -4.79 0.09
O2 Q04 E . 0.92 -2.31 0.43
C Q04 E . -1.01 -3.97 0.96
N Q04 E . -1.59 -3.49 -0.23
C1 Q04 E . -1.29 -5.48 1.16
C2 Q04 E . -2.59 -5.90 1.79
C7 Q04 E . -2.48 -7.40 1.47
C6 Q04 E . -3.97 -7.75 1.44
C5 Q04 E . -4.48 -7.71 2.88
C4 Q04 E . -4.30 -6.38 3.52
C3 Q04 E . -2.89 -5.82 3.23
#